data_4BBG
#
_entry.id   4BBG
#
_cell.length_a   158.190
_cell.length_b   158.190
_cell.length_c   158.190
_cell.angle_alpha   90.00
_cell.angle_beta   90.00
_cell.angle_gamma   90.00
#
_symmetry.space_group_name_H-M   'I 21 3'
#
loop_
_entity.id
_entity.type
_entity.pdbx_description
1 polymer 'KINESIN-LIKE PROTEIN KIF11'
2 non-polymer "ADENOSINE-5'-DIPHOSPHATE"
3 non-polymer 'MAGNESIUM ION'
4 non-polymer 'CHLORIDE ION'
5 non-polymer 3-[(R)-2-azanylethylsulfanyl-(3-ethylphenyl)-phenyl-methyl]phenol
6 water water
#
_entity_poly.entity_id   1
_entity_poly.type   'polypeptide(L)'
_entity_poly.pdbx_seq_one_letter_code
;MASQPNSSAKKKEEKGKNIQVVVRCRPFNLAERKASAHSIVECDPVRKEVSVRTGGLADKSSRKTYTFDMVFGASTKQID
VYRSVVCPILDEVIMGYNCTIFAYGQTGTGKTFTMEGERSPNEEYTWEEDPLAGIIPRTLHQIFEKLTDNGTEFSVKVSL
LEIYNEELFDLLNPSSDVSERLQMFDDPRNKRGVIIKGLEEITVHNKDEVYQILEKGAAKRTTAATLMNAYSSRSHSVFS
VTIHMKETTIDGEELVKIGKLNLVDLAGSENIGRSGAVDKRAREAGNINQSLLTLGRVITALVERTPHVPYRESKLTRIL
QDSLGGRTRTSIIATISPASLNLEETLSTLEYAHRAKNILNKPEVNQK
;
_entity_poly.pdbx_strand_id   A
#
# COMPACT_ATOMS: atom_id res chain seq x y z
N LYS A 17 -9.36 5.54 -14.37
CA LYS A 17 -10.72 6.02 -13.90
C LYS A 17 -11.17 5.11 -12.72
N ASN A 18 -11.94 4.04 -12.95
CA ASN A 18 -12.12 3.02 -11.91
C ASN A 18 -10.79 2.70 -11.22
N ILE A 19 -10.81 2.43 -9.93
CA ILE A 19 -9.57 2.04 -9.33
C ILE A 19 -9.27 0.61 -9.67
N GLN A 20 -8.00 0.28 -9.77
CA GLN A 20 -7.57 -1.02 -10.16
C GLN A 20 -7.49 -1.85 -8.88
N VAL A 21 -7.97 -3.09 -8.89
CA VAL A 21 -7.92 -3.92 -7.71
C VAL A 21 -7.42 -5.25 -8.16
N VAL A 22 -6.44 -5.80 -7.41
CA VAL A 22 -5.74 -7.07 -7.75
C VAL A 22 -5.69 -7.95 -6.50
N VAL A 23 -5.40 -9.23 -6.65
CA VAL A 23 -5.48 -10.13 -5.49
C VAL A 23 -4.21 -10.93 -5.42
N ARG A 24 -3.63 -11.06 -4.23
CA ARG A 24 -2.47 -11.87 -4.07
C ARG A 24 -2.70 -12.89 -2.99
N CYS A 25 -2.40 -14.13 -3.30
CA CYS A 25 -2.58 -15.18 -2.36
C CYS A 25 -1.19 -15.66 -2.00
N ARG A 26 -0.90 -15.85 -0.73
CA ARG A 26 0.41 -16.26 -0.28
C ARG A 26 0.44 -17.78 -0.24
N PRO A 27 1.64 -18.37 -0.23
CA PRO A 27 1.72 -19.80 -0.11
C PRO A 27 1.39 -20.23 1.30
N PHE A 28 1.19 -21.53 1.52
CA PHE A 28 1.07 -22.06 2.88
C PHE A 28 2.28 -21.73 3.67
N ASN A 29 2.11 -21.61 4.99
CA ASN A 29 3.23 -21.51 5.91
C ASN A 29 3.42 -22.83 6.65
N LEU A 30 4.49 -22.94 7.43
CA LEU A 30 4.81 -24.18 8.17
C LEU A 30 3.74 -24.61 9.18
N ALA A 31 3.08 -23.65 9.85
CA ALA A 31 2.06 -24.04 10.82
C ALA A 31 0.93 -24.81 10.12
N GLU A 32 0.56 -24.30 8.93
CA GLU A 32 -0.59 -24.76 8.16
C GLU A 32 -0.28 -26.13 7.62
N ARG A 33 0.93 -26.30 7.07
CA ARG A 33 1.38 -27.62 6.63
C ARG A 33 1.45 -28.63 7.79
N LYS A 34 1.88 -28.19 8.96
CA LYS A 34 1.96 -29.10 10.10
C LYS A 34 0.55 -29.58 10.49
N ALA A 35 -0.45 -28.78 10.15
CA ALA A 35 -1.83 -29.02 10.54
C ALA A 35 -2.64 -29.65 9.40
N SER A 36 -1.95 -29.91 8.28
CA SER A 36 -2.52 -30.53 7.10
C SER A 36 -3.61 -29.70 6.45
N ALA A 37 -3.46 -28.38 6.51
CA ALA A 37 -4.39 -27.47 5.91
C ALA A 37 -4.62 -27.87 4.45
N HIS A 38 -5.88 -27.94 4.02
CA HIS A 38 -6.23 -28.11 2.63
C HIS A 38 -6.36 -26.73 2.01
N SER A 39 -6.33 -26.67 0.70
CA SER A 39 -6.48 -25.41 0.07
C SER A 39 -7.93 -25.19 -0.37
N ILE A 40 -8.36 -23.94 -0.34
CA ILE A 40 -9.68 -23.61 -0.80
C ILE A 40 -9.64 -22.51 -1.80
N VAL A 41 -8.46 -22.11 -2.24
CA VAL A 41 -8.32 -21.03 -3.19
C VAL A 41 -7.66 -21.48 -4.50
N GLU A 42 -8.13 -20.87 -5.57
CA GLU A 42 -7.72 -21.17 -6.92
C GLU A 42 -7.61 -19.90 -7.74
N CYS A 43 -6.38 -19.56 -8.13
CA CYS A 43 -6.16 -18.39 -8.97
C CYS A 43 -6.01 -18.75 -10.42
N ASP A 44 -6.67 -18.00 -11.29
CA ASP A 44 -6.50 -18.17 -12.73
C ASP A 44 -6.03 -16.86 -13.35
N PRO A 45 -4.71 -16.70 -13.53
CA PRO A 45 -4.14 -15.45 -14.00
C PRO A 45 -4.73 -15.00 -15.30
N VAL A 46 -4.85 -15.87 -16.27
CA VAL A 46 -5.33 -15.48 -17.58
C VAL A 46 -6.79 -15.02 -17.54
N ARG A 47 -7.70 -15.80 -16.95
CA ARG A 47 -9.09 -15.31 -16.90
C ARG A 47 -9.27 -14.21 -15.82
N LYS A 48 -8.23 -14.03 -14.98
CA LYS A 48 -8.17 -13.03 -13.88
C LYS A 48 -9.24 -13.28 -12.81
N GLU A 49 -9.24 -14.48 -12.26
CA GLU A 49 -10.32 -14.90 -11.44
C GLU A 49 -9.69 -15.58 -10.30
N VAL A 50 -10.32 -15.40 -9.14
CA VAL A 50 -10.03 -16.19 -7.96
C VAL A 50 -11.29 -16.98 -7.66
N SER A 51 -11.11 -18.15 -7.08
CA SER A 51 -12.25 -18.97 -6.92
C SER A 51 -12.14 -19.73 -5.65
N VAL A 52 -13.05 -19.48 -4.72
CA VAL A 52 -12.99 -20.10 -3.40
C VAL A 52 -13.93 -21.32 -3.22
N ARG A 53 -13.31 -22.41 -2.80
CA ARG A 53 -14.07 -23.61 -2.52
C ARG A 53 -14.76 -23.38 -1.17
N THR A 54 -16.07 -23.60 -1.13
CA THR A 54 -16.98 -22.95 -0.20
C THR A 54 -17.80 -23.87 0.77
N GLY A 55 -17.89 -25.17 0.46
CA GLY A 55 -18.82 -26.03 1.10
C GLY A 55 -18.23 -27.18 1.88
N GLY A 56 -16.94 -27.08 2.21
CA GLY A 56 -16.32 -28.04 3.11
C GLY A 56 -16.67 -29.48 2.84
N LEU A 57 -16.98 -30.23 3.88
CA LEU A 57 -17.33 -31.63 3.75
C LEU A 57 -18.72 -31.79 3.23
N ALA A 58 -19.50 -30.73 3.21
CA ALA A 58 -20.93 -30.90 2.99
C ALA A 58 -21.22 -30.93 1.52
N ASP A 59 -20.68 -29.94 0.81
CA ASP A 59 -20.98 -29.73 -0.61
C ASP A 59 -19.70 -29.50 -1.39
N LYS A 60 -19.18 -30.55 -1.98
CA LYS A 60 -17.91 -30.45 -2.65
C LYS A 60 -17.85 -29.60 -3.89
N SER A 61 -18.97 -29.30 -4.52
CA SER A 61 -18.86 -28.55 -5.78
C SER A 61 -18.99 -27.07 -5.62
N SER A 62 -19.38 -26.62 -4.44
CA SER A 62 -19.65 -25.22 -4.22
C SER A 62 -18.43 -24.34 -4.36
N ARG A 63 -18.62 -23.18 -5.00
CA ARG A 63 -17.57 -22.17 -5.17
C ARG A 63 -18.13 -20.78 -5.11
N LYS A 64 -17.26 -19.84 -4.73
CA LYS A 64 -17.54 -18.45 -5.09
C LYS A 64 -16.38 -17.99 -5.90
N THR A 65 -16.69 -17.32 -7.00
CA THR A 65 -15.74 -16.91 -8.00
C THR A 65 -15.86 -15.43 -8.25
N TYR A 66 -14.73 -14.75 -8.35
CA TYR A 66 -14.69 -13.28 -8.51
C TYR A 66 -13.69 -12.88 -9.53
N THR A 67 -14.02 -11.87 -10.33
CA THR A 67 -13.09 -11.32 -11.32
C THR A 67 -12.38 -10.02 -10.90
N PHE A 68 -11.06 -9.98 -10.96
CA PHE A 68 -10.33 -8.76 -10.67
C PHE A 68 -9.53 -8.26 -11.87
N ASP A 69 -8.90 -7.08 -11.75
CA ASP A 69 -8.00 -6.58 -12.77
C ASP A 69 -6.77 -7.46 -12.95
N MET A 70 -6.21 -8.00 -11.87
CA MET A 70 -5.13 -9.01 -11.99
C MET A 70 -5.19 -9.97 -10.83
N VAL A 71 -4.53 -11.10 -10.97
CA VAL A 71 -4.65 -12.15 -9.98
C VAL A 71 -3.31 -12.83 -9.85
N PHE A 72 -2.80 -13.00 -8.63
CA PHE A 72 -1.49 -13.58 -8.34
C PHE A 72 -1.60 -14.78 -7.39
N GLY A 73 -1.24 -15.96 -7.86
CA GLY A 73 -1.44 -17.16 -7.10
C GLY A 73 -0.31 -17.35 -6.12
N ALA A 74 -0.31 -18.50 -5.43
CA ALA A 74 0.63 -18.73 -4.34
C ALA A 74 2.06 -18.71 -4.80
N SER A 75 2.32 -19.05 -6.06
CA SER A 75 3.72 -19.21 -6.45
C SER A 75 4.32 -17.94 -7.05
N THR A 76 3.49 -16.91 -7.21
CA THR A 76 3.91 -15.58 -7.62
C THR A 76 4.99 -14.99 -6.72
N LYS A 77 5.98 -14.31 -7.31
CA LYS A 77 7.13 -13.75 -6.57
C LYS A 77 7.24 -12.22 -6.62
N GLN A 78 8.03 -11.65 -5.71
CA GLN A 78 8.04 -10.19 -5.51
C GLN A 78 8.35 -9.43 -6.76
N ILE A 79 9.27 -9.99 -7.53
CA ILE A 79 9.55 -9.42 -8.83
C ILE A 79 8.30 -9.37 -9.76
N ASP A 80 7.43 -10.40 -9.71
CA ASP A 80 6.26 -10.46 -10.61
C ASP A 80 5.27 -9.36 -10.21
N VAL A 81 5.10 -9.19 -8.89
CA VAL A 81 4.18 -8.20 -8.40
C VAL A 81 4.60 -6.81 -8.89
N TYR A 82 5.88 -6.51 -8.70
CA TYR A 82 6.44 -5.25 -9.09
C TYR A 82 6.30 -4.97 -10.60
N ARG A 83 6.66 -5.96 -11.42
CA ARG A 83 6.57 -5.78 -12.89
C ARG A 83 5.15 -5.49 -13.32
N SER A 84 4.21 -6.36 -12.95
CA SER A 84 2.79 -6.19 -13.28
C SER A 84 2.06 -4.98 -12.72
N VAL A 85 2.29 -4.64 -11.44
CA VAL A 85 1.46 -3.61 -10.81
C VAL A 85 2.16 -2.27 -10.72
N VAL A 86 3.43 -2.28 -10.37
CA VAL A 86 4.06 -1.02 -10.01
C VAL A 86 4.65 -0.25 -11.20
N CYS A 87 5.42 -0.92 -12.04
CA CYS A 87 5.91 -0.28 -13.26
C CYS A 87 4.88 0.61 -13.88
N PRO A 88 3.70 0.05 -14.26
CA PRO A 88 2.78 1.02 -14.88
C PRO A 88 2.53 2.26 -14.00
N ILE A 89 2.35 2.06 -12.70
CA ILE A 89 2.07 3.20 -11.81
C ILE A 89 3.25 4.14 -11.67
N LEU A 90 4.44 3.56 -11.59
CA LEU A 90 5.63 4.37 -11.54
C LEU A 90 5.83 5.32 -12.78
N ASP A 91 5.54 4.82 -13.98
CA ASP A 91 5.58 5.66 -15.18
C ASP A 91 4.65 6.85 -14.99
N GLU A 92 3.47 6.60 -14.44
CA GLU A 92 2.51 7.68 -14.32
CA GLU A 92 2.47 7.63 -14.26
C GLU A 92 2.92 8.65 -13.22
N VAL A 93 3.72 8.18 -12.26
CA VAL A 93 4.24 9.12 -11.23
C VAL A 93 5.28 10.00 -11.90
N ILE A 94 6.21 9.39 -12.61
CA ILE A 94 7.16 10.12 -13.44
C ILE A 94 6.49 11.17 -14.41
N MET A 95 5.33 10.88 -14.97
CA MET A 95 4.66 11.88 -15.77
C MET A 95 3.94 12.92 -14.92
N GLY A 96 4.21 13.00 -13.62
CA GLY A 96 3.67 14.10 -12.81
C GLY A 96 2.27 13.93 -12.23
N TYR A 97 1.81 12.68 -12.09
CA TYR A 97 0.57 12.32 -11.33
C TYR A 97 0.81 11.95 -9.86
N ASN A 98 -0.23 11.99 -9.01
CA ASN A 98 -0.19 11.31 -7.70
C ASN A 98 -0.75 9.91 -7.77
N CYS A 99 -0.06 8.94 -7.17
CA CYS A 99 -0.55 7.57 -7.13
C CYS A 99 -0.53 6.99 -5.73
N THR A 100 -1.40 6.03 -5.49
CA THR A 100 -1.49 5.37 -4.21
C THR A 100 -1.67 3.92 -4.48
N ILE A 101 -0.82 3.09 -3.91
CA ILE A 101 -1.10 1.69 -3.80
C ILE A 101 -1.37 1.30 -2.38
N PHE A 102 -2.46 0.59 -2.10
CA PHE A 102 -2.55 0.02 -0.76
C PHE A 102 -2.96 -1.41 -0.59
N ALA A 103 -2.50 -1.99 0.52
CA ALA A 103 -2.71 -3.42 0.81
C ALA A 103 -3.84 -3.61 1.85
N TYR A 104 -4.80 -4.51 1.56
CA TYR A 104 -5.93 -4.66 2.42
C TYR A 104 -6.04 -6.14 2.59
N GLY A 105 -6.28 -6.61 3.81
CA GLY A 105 -6.45 -8.03 4.03
C GLY A 105 -6.25 -8.41 5.46
N GLN A 106 -6.53 -9.66 5.77
CA GLN A 106 -6.45 -10.16 7.12
C GLN A 106 -5.00 -10.25 7.58
N THR A 107 -4.79 -10.06 8.88
CA THR A 107 -3.47 -10.23 9.49
C THR A 107 -2.92 -11.57 9.11
N GLY A 108 -1.64 -11.61 8.74
CA GLY A 108 -0.99 -12.86 8.43
C GLY A 108 -1.00 -13.18 6.95
N THR A 109 -1.59 -12.33 6.12
CA THR A 109 -1.69 -12.70 4.72
C THR A 109 -0.72 -12.05 3.74
N GLY A 110 0.12 -11.09 4.18
CA GLY A 110 1.17 -10.58 3.31
C GLY A 110 1.05 -9.15 2.84
N LYS A 111 0.26 -8.34 3.55
CA LYS A 111 0.31 -6.89 3.30
C LYS A 111 1.76 -6.35 3.46
N THR A 112 2.46 -6.78 4.51
CA THR A 112 3.76 -6.17 4.82
C THR A 112 4.77 -6.77 3.87
N PHE A 113 4.72 -8.09 3.76
CA PHE A 113 5.55 -8.78 2.84
C PHE A 113 5.42 -8.18 1.45
N THR A 114 4.21 -7.87 0.98
CA THR A 114 4.03 -7.34 -0.34
C THR A 114 4.54 -5.92 -0.41
N MET A 115 4.33 -5.11 0.64
CA MET A 115 4.59 -3.66 0.51
C MET A 115 6.03 -3.31 0.85
N GLU A 116 6.63 -4.11 1.70
CA GLU A 116 8.02 -3.87 2.11
C GLU A 116 8.92 -5.00 1.74
N GLY A 117 8.55 -6.19 2.16
CA GLY A 117 9.36 -7.32 1.85
C GLY A 117 10.15 -7.67 3.08
N GLU A 118 11.05 -8.62 2.93
CA GLU A 118 11.89 -8.97 4.06
C GLU A 118 13.35 -8.94 3.65
N ARG A 119 14.26 -9.10 4.61
CA ARG A 119 15.67 -9.32 4.27
C ARG A 119 15.96 -10.81 4.31
N SER A 120 16.57 -11.32 3.25
CA SER A 120 17.13 -12.68 3.26
C SER A 120 18.24 -12.81 4.34
N PRO A 121 18.32 -13.97 5.05
CA PRO A 121 19.22 -13.98 6.24
C PRO A 121 20.74 -13.91 5.88
N ASN A 122 21.57 -13.62 6.90
CA ASN A 122 23.04 -13.29 6.75
C ASN A 122 23.40 -12.24 5.67
N GLU A 123 24.55 -12.46 5.00
CA GLU A 123 25.10 -11.51 4.02
C GLU A 123 24.25 -11.64 2.76
N GLU A 124 24.37 -12.83 2.15
CA GLU A 124 23.42 -13.42 1.18
C GLU A 124 23.13 -12.52 -0.02
N TYR A 125 22.39 -11.42 0.19
CA TYR A 125 22.09 -10.54 -0.93
C TYR A 125 22.32 -9.06 -0.61
N THR A 126 22.81 -8.34 -1.61
CA THR A 126 22.77 -6.87 -1.64
C THR A 126 21.27 -6.48 -1.58
N TRP A 127 20.91 -5.48 -0.78
CA TRP A 127 19.52 -5.05 -0.76
C TRP A 127 18.83 -4.75 -2.13
N GLU A 128 19.56 -4.22 -3.12
CA GLU A 128 19.02 -4.03 -4.47
C GLU A 128 18.72 -5.35 -5.13
N GLU A 129 19.20 -6.45 -4.56
CA GLU A 129 19.08 -7.72 -5.29
C GLU A 129 18.34 -8.81 -4.50
N ASP A 130 17.93 -8.51 -3.26
CA ASP A 130 17.21 -9.46 -2.41
C ASP A 130 15.90 -9.80 -3.06
N PRO A 131 15.70 -11.09 -3.40
CA PRO A 131 14.45 -11.59 -4.00
C PRO A 131 13.23 -11.39 -3.07
N LEU A 132 13.45 -11.44 -1.77
CA LEU A 132 12.45 -11.03 -0.78
C LEU A 132 12.10 -9.50 -0.70
N ALA A 133 12.70 -8.63 -1.50
CA ALA A 133 12.33 -7.23 -1.29
C ALA A 133 10.96 -6.90 -1.92
N GLY A 134 10.17 -6.09 -1.24
CA GLY A 134 8.86 -5.76 -1.71
C GLY A 134 8.81 -4.49 -2.52
N ILE A 135 7.64 -3.87 -2.60
CA ILE A 135 7.42 -2.77 -3.49
C ILE A 135 8.19 -1.50 -3.09
N ILE A 136 8.33 -1.19 -1.79
CA ILE A 136 8.94 0.09 -1.40
C ILE A 136 10.45 0.10 -1.78
N PRO A 137 11.22 -0.94 -1.35
CA PRO A 137 12.62 -0.87 -1.77
C PRO A 137 12.77 -0.89 -3.31
N ARG A 138 12.10 -1.82 -3.98
CA ARG A 138 12.23 -1.93 -5.44
C ARG A 138 11.89 -0.62 -6.12
N THR A 139 11.07 0.19 -5.50
CA THR A 139 10.58 1.33 -6.21
C THR A 139 11.64 2.39 -6.10
N LEU A 140 12.17 2.55 -4.90
CA LEU A 140 13.19 3.52 -4.62
C LEU A 140 14.39 3.26 -5.54
N HIS A 141 14.77 2.01 -5.70
CA HIS A 141 15.83 1.63 -6.66
C HIS A 141 15.43 2.09 -8.08
N GLN A 142 14.40 1.53 -8.66
CA GLN A 142 13.97 2.04 -9.96
C GLN A 142 13.92 3.56 -10.13
N ILE A 143 13.58 4.34 -9.12
CA ILE A 143 13.46 5.77 -9.41
C ILE A 143 14.82 6.30 -9.80
N PHE A 144 15.84 5.72 -9.17
CA PHE A 144 17.19 6.10 -9.47
C PHE A 144 17.67 5.59 -10.83
N GLU A 145 17.49 4.32 -11.18
CA GLU A 145 17.83 3.91 -12.56
C GLU A 145 17.06 4.76 -13.57
N LYS A 146 15.74 4.68 -13.57
CA LYS A 146 14.99 5.32 -14.63
C LYS A 146 15.31 6.79 -14.84
N LEU A 147 15.64 7.53 -13.79
CA LEU A 147 15.87 8.99 -13.90
C LEU A 147 17.35 9.44 -14.06
N THR A 148 18.28 8.52 -13.83
CA THR A 148 19.67 8.81 -14.02
C THR A 148 20.02 8.36 -15.43
N ASP A 149 19.63 7.13 -15.79
CA ASP A 149 19.70 6.56 -17.19
C ASP A 149 19.16 7.53 -18.24
N ASN A 150 18.51 8.57 -17.75
CA ASN A 150 17.61 9.42 -18.52
C ASN A 150 18.09 10.86 -18.68
N GLY A 151 19.27 11.22 -18.15
CA GLY A 151 19.71 12.61 -18.12
C GLY A 151 18.88 13.29 -17.07
N THR A 152 18.06 14.27 -17.47
CA THR A 152 17.03 14.98 -16.60
C THR A 152 17.33 15.20 -15.07
N GLU A 153 17.19 16.45 -14.64
CA GLU A 153 17.44 16.79 -13.25
C GLU A 153 16.20 16.52 -12.35
N PHE A 154 16.45 15.97 -11.16
CA PHE A 154 15.38 15.50 -10.27
C PHE A 154 15.81 15.42 -8.82
N SER A 155 14.89 15.68 -7.88
CA SER A 155 15.09 15.26 -6.47
C SER A 155 13.96 14.36 -5.93
N VAL A 156 14.35 13.46 -5.04
CA VAL A 156 13.47 12.51 -4.39
C VAL A 156 13.44 12.73 -2.88
N LYS A 157 12.27 13.04 -2.30
CA LYS A 157 12.07 13.08 -0.83
C LYS A 157 11.14 11.96 -0.37
N VAL A 158 11.50 11.22 0.67
CA VAL A 158 10.57 10.24 1.23
C VAL A 158 10.04 10.63 2.62
N SER A 159 8.95 9.98 3.05
CA SER A 159 8.49 10.02 4.44
C SER A 159 7.71 8.77 4.86
N LEU A 160 7.61 8.54 6.15
CA LEU A 160 6.98 7.33 6.64
C LEU A 160 6.27 7.58 7.93
N LEU A 161 4.96 7.67 7.93
CA LEU A 161 4.27 7.77 9.18
C LEU A 161 3.41 6.54 9.49
N GLU A 162 3.05 6.38 10.76
CA GLU A 162 2.11 5.32 11.13
C GLU A 162 0.97 5.89 11.90
N ILE A 163 -0.22 5.40 11.63
CA ILE A 163 -1.39 5.75 12.41
C ILE A 163 -1.72 4.59 13.29
N TYR A 164 -1.81 4.86 14.59
CA TYR A 164 -2.25 3.92 15.57
C TYR A 164 -3.19 4.61 16.59
N ASN A 165 -4.40 4.06 16.71
CA ASN A 165 -5.39 4.51 17.62
C ASN A 165 -5.64 5.96 17.37
N GLU A 166 -5.63 6.37 16.11
CA GLU A 166 -5.87 7.80 15.69
C GLU A 166 -4.80 8.86 16.12
N GLU A 167 -3.63 8.34 16.50
CA GLU A 167 -2.48 9.14 16.76
C GLU A 167 -1.51 8.86 15.65
N LEU A 168 -0.71 9.85 15.30
CA LEU A 168 0.25 9.71 14.23
C LEU A 168 1.68 9.76 14.75
N PHE A 169 2.50 8.83 14.28
CA PHE A 169 3.88 8.68 14.69
C PHE A 169 4.83 8.75 13.49
N ASP A 170 6.03 9.30 13.68
CA ASP A 170 6.91 9.58 12.54
C ASP A 170 8.13 8.76 12.69
N LEU A 171 8.20 7.73 11.87
CA LEU A 171 9.27 6.78 11.90
C LEU A 171 10.65 7.28 11.37
N LEU A 172 10.67 8.37 10.62
CA LEU A 172 11.96 8.86 10.08
C LEU A 172 12.46 10.14 10.82
N ASN A 173 11.80 10.52 11.90
CA ASN A 173 12.20 11.70 12.60
C ASN A 173 13.57 11.52 13.28
N PRO A 174 14.35 12.62 13.36
CA PRO A 174 15.62 12.58 14.12
C PRO A 174 15.42 12.43 15.64
N SER A 175 14.28 12.92 16.14
CA SER A 175 13.81 12.68 17.52
C SER A 175 14.01 11.26 17.94
N SER A 176 14.46 11.08 19.15
CA SER A 176 14.85 9.73 19.53
C SER A 176 13.68 8.92 20.11
N ASP A 177 12.58 9.60 20.49
CA ASP A 177 11.40 8.95 21.09
C ASP A 177 10.27 8.79 20.05
N VAL A 178 9.96 7.54 19.66
CA VAL A 178 8.87 7.34 18.64
C VAL A 178 7.54 7.94 19.04
N SER A 179 7.27 8.07 20.33
CA SER A 179 5.94 8.34 20.75
C SER A 179 5.59 9.81 20.65
N GLU A 180 6.52 10.64 20.17
CA GLU A 180 6.23 12.06 19.92
C GLU A 180 5.25 12.22 18.73
N ARG A 181 4.12 12.91 18.90
CA ARG A 181 3.05 12.86 17.88
C ARG A 181 2.99 14.04 16.91
N LEU A 182 2.68 13.69 15.63
CA LEU A 182 2.36 14.58 14.58
C LEU A 182 0.95 15.05 14.72
N GLN A 183 0.56 16.04 13.94
CA GLN A 183 -0.77 16.66 13.92
CA GLN A 183 -0.82 16.47 13.87
C GLN A 183 -1.12 16.88 12.44
N MET A 184 -2.40 16.97 12.12
CA MET A 184 -2.90 17.04 10.78
C MET A 184 -3.71 18.29 10.55
N PHE A 185 -3.59 18.86 9.35
CA PHE A 185 -4.31 20.11 8.96
C PHE A 185 -4.71 20.09 7.47
N ASP A 186 -5.84 20.72 7.15
CA ASP A 186 -6.21 20.93 5.75
C ASP A 186 -5.17 21.72 4.97
N ASP A 187 -4.86 21.25 3.76
CA ASP A 187 -4.03 22.01 2.80
C ASP A 187 -4.87 23.17 2.23
N PRO A 188 -4.39 24.42 2.35
CA PRO A 188 -5.13 25.48 1.65
C PRO A 188 -4.93 25.45 0.11
N ARG A 189 -3.89 24.77 -0.38
CA ARG A 189 -3.76 24.47 -1.81
C ARG A 189 -4.12 23.01 -2.19
N ASN A 190 -5.39 22.64 -2.05
CA ASN A 190 -5.94 21.29 -2.42
C ASN A 190 -7.11 20.98 -1.49
N LYS A 191 -8.33 21.33 -1.88
CA LYS A 191 -9.56 20.97 -1.12
C LYS A 191 -9.62 19.47 -0.70
N ARG A 192 -8.90 18.60 -1.43
CA ARG A 192 -8.91 17.15 -1.17
C ARG A 192 -7.71 16.56 -0.35
N GLY A 193 -6.76 17.39 0.11
CA GLY A 193 -5.54 16.87 0.77
C GLY A 193 -5.09 17.47 2.12
N VAL A 194 -4.11 16.85 2.79
CA VAL A 194 -3.70 17.31 4.15
C VAL A 194 -2.24 17.63 4.27
N ILE A 195 -1.91 18.56 5.16
CA ILE A 195 -0.54 18.80 5.68
C ILE A 195 -0.39 18.06 7.01
N ILE A 196 0.63 17.24 7.11
CA ILE A 196 1.05 16.62 8.38
C ILE A 196 2.08 17.50 9.13
N LYS A 197 1.63 18.30 10.10
CA LYS A 197 2.54 19.14 10.88
C LYS A 197 3.59 18.34 11.66
N GLY A 198 4.86 18.56 11.32
CA GLY A 198 5.96 17.98 12.05
C GLY A 198 6.63 16.86 11.32
N LEU A 199 6.08 16.46 10.18
CA LEU A 199 6.61 15.30 9.48
C LEU A 199 8.02 15.58 8.99
N GLU A 200 8.94 14.66 9.29
CA GLU A 200 10.25 14.66 8.63
C GLU A 200 10.17 14.12 7.21
N GLU A 201 10.55 14.95 6.24
CA GLU A 201 10.77 14.47 4.86
C GLU A 201 12.24 14.46 4.55
N ILE A 202 12.82 13.29 4.45
CA ILE A 202 14.24 13.15 4.19
C ILE A 202 14.58 13.13 2.69
N THR A 203 15.55 13.98 2.30
CA THR A 203 15.98 14.11 0.91
C THR A 203 16.89 12.96 0.59
N VAL A 204 16.64 12.24 -0.49
CA VAL A 204 17.41 11.06 -0.80
C VAL A 204 18.25 11.39 -2.06
N HIS A 205 19.53 11.67 -1.81
CA HIS A 205 20.47 12.18 -2.81
C HIS A 205 20.89 11.11 -3.83
N ASN A 206 21.08 9.86 -3.40
CA ASN A 206 21.37 8.79 -4.36
C ASN A 206 20.88 7.49 -3.80
N LYS A 207 20.95 6.42 -4.58
CA LYS A 207 20.48 5.15 -4.07
C LYS A 207 21.33 4.57 -2.93
N ASP A 208 22.51 5.13 -2.68
CA ASP A 208 23.34 4.62 -1.58
C ASP A 208 22.91 5.20 -0.22
N GLU A 209 22.05 6.20 -0.27
CA GLU A 209 21.44 6.64 0.97
C GLU A 209 20.26 5.72 1.44
N VAL A 210 19.63 5.00 0.51
CA VAL A 210 18.34 4.40 0.77
C VAL A 210 18.32 3.52 2.02
N TYR A 211 19.17 2.52 2.07
CA TYR A 211 19.04 1.47 3.04
C TYR A 211 19.15 1.94 4.47
N GLN A 212 20.03 2.89 4.74
CA GLN A 212 20.20 3.39 6.12
C GLN A 212 18.90 4.08 6.54
N ILE A 213 18.27 4.80 5.61
CA ILE A 213 17.04 5.46 5.94
C ILE A 213 15.93 4.46 6.38
N LEU A 214 15.80 3.37 5.62
CA LEU A 214 14.87 2.34 5.91
C LEU A 214 15.23 1.61 7.19
N GLU A 215 16.51 1.45 7.46
CA GLU A 215 16.97 0.70 8.64
C GLU A 215 16.68 1.47 9.89
N LYS A 216 16.81 2.79 9.85
CA LYS A 216 16.45 3.58 11.01
C LYS A 216 14.94 3.61 11.26
N GLY A 217 14.17 3.57 10.18
CA GLY A 217 12.73 3.49 10.23
C GLY A 217 12.32 2.17 10.84
N ALA A 218 12.89 1.07 10.35
CA ALA A 218 12.65 -0.23 10.95
C ALA A 218 13.02 -0.24 12.42
N ALA A 219 14.12 0.39 12.82
CA ALA A 219 14.47 0.37 14.27
C ALA A 219 13.45 1.15 15.06
N LYS A 220 12.96 2.25 14.51
CA LYS A 220 11.89 3.00 15.18
C LYS A 220 10.60 2.17 15.35
N ARG A 221 10.18 1.45 14.31
CA ARG A 221 9.06 0.54 14.41
C ARG A 221 9.25 -0.51 15.48
N THR A 222 10.43 -1.14 15.55
CA THR A 222 10.64 -2.12 16.60
C THR A 222 10.32 -1.56 18.00
N THR A 223 10.77 -0.34 18.35
CA THR A 223 10.47 0.24 19.65
C THR A 223 8.97 0.45 19.85
N ALA A 224 8.30 0.86 18.79
CA ALA A 224 6.90 1.21 18.92
C ALA A 224 6.14 -0.08 19.18
N ALA A 225 6.55 -1.14 18.54
CA ALA A 225 5.86 -2.40 18.76
C ALA A 225 5.93 -2.79 20.24
N THR A 226 6.96 -2.37 20.97
CA THR A 226 7.09 -2.78 22.39
C THR A 226 6.36 -1.83 23.29
N LEU A 227 5.86 -0.74 22.75
CA LEU A 227 5.26 0.30 23.58
C LEU A 227 3.74 0.22 23.58
N MET A 228 3.18 -0.27 22.49
CA MET A 228 1.78 -0.15 22.22
C MET A 228 1.23 -1.53 21.98
N ASN A 229 0.03 -1.79 22.48
CA ASN A 229 -0.49 -3.14 22.36
C ASN A 229 -0.86 -3.59 20.93
N ALA A 230 -0.41 -4.77 20.54
CA ALA A 230 -0.68 -5.30 19.18
C ALA A 230 -0.34 -4.32 18.02
N TYR A 231 0.79 -3.62 18.15
CA TYR A 231 1.08 -2.49 17.26
C TYR A 231 1.11 -2.93 15.84
N SER A 232 1.77 -4.02 15.60
CA SER A 232 1.97 -4.36 14.22
C SER A 232 0.69 -4.70 13.41
N SER A 233 -0.33 -5.30 14.04
CA SER A 233 -1.63 -5.52 13.33
C SER A 233 -2.68 -4.45 13.48
N ARG A 234 -2.63 -3.62 14.52
CA ARG A 234 -3.65 -2.59 14.58
C ARG A 234 -3.27 -1.27 13.92
N SER A 235 -2.07 -1.14 13.37
CA SER A 235 -1.64 0.16 12.81
C SER A 235 -1.59 0.25 11.30
N HIS A 236 -1.83 1.44 10.77
CA HIS A 236 -1.66 1.70 9.37
C HIS A 236 -0.31 2.37 9.07
N SER A 237 0.28 2.06 7.95
CA SER A 237 1.58 2.58 7.72
C SER A 237 1.56 3.29 6.39
N VAL A 238 1.99 4.53 6.34
CA VAL A 238 1.99 5.33 5.09
C VAL A 238 3.38 5.78 4.64
N PHE A 239 3.93 5.11 3.63
CA PHE A 239 5.19 5.54 3.05
C PHE A 239 4.96 6.44 1.82
N SER A 240 5.50 7.66 1.81
CA SER A 240 5.32 8.53 0.64
C SER A 240 6.61 8.85 -0.11
N VAL A 241 6.53 8.94 -1.42
CA VAL A 241 7.65 9.39 -2.19
C VAL A 241 7.28 10.56 -3.03
N THR A 242 8.05 11.62 -2.95
CA THR A 242 7.76 12.81 -3.73
C THR A 242 8.93 13.06 -4.67
N ILE A 243 8.61 13.22 -5.95
CA ILE A 243 9.68 13.48 -6.92
C ILE A 243 9.47 14.75 -7.64
N HIS A 244 10.51 15.57 -7.66
CA HIS A 244 10.54 16.81 -8.46
C HIS A 244 11.43 16.58 -9.68
N MET A 245 10.89 16.89 -10.86
CA MET A 245 11.63 16.76 -12.13
C MET A 245 11.62 18.08 -12.88
N LYS A 246 12.77 18.44 -13.48
CA LYS A 246 12.91 19.65 -14.33
C LYS A 246 12.65 19.35 -15.81
N GLU A 247 11.64 19.99 -16.36
CA GLU A 247 11.29 19.90 -17.79
C GLU A 247 11.58 21.24 -18.50
N THR A 248 12.26 21.17 -19.66
CA THR A 248 12.45 22.34 -20.54
C THR A 248 11.47 22.18 -21.72
N THR A 249 10.65 23.19 -22.02
CA THR A 249 9.85 23.13 -23.26
C THR A 249 10.70 23.27 -24.58
N ILE A 250 10.04 23.21 -25.73
CA ILE A 250 10.71 23.36 -27.04
C ILE A 250 11.04 24.86 -27.27
N ASP A 251 10.21 25.71 -26.65
CA ASP A 251 10.47 27.15 -26.46
C ASP A 251 11.60 27.51 -25.46
N GLY A 252 12.18 26.50 -24.81
CA GLY A 252 13.21 26.70 -23.79
C GLY A 252 12.74 27.14 -22.40
N GLU A 253 11.46 26.95 -22.08
CA GLU A 253 10.95 27.30 -20.75
C GLU A 253 11.14 26.20 -19.69
N GLU A 254 11.62 26.60 -18.51
CA GLU A 254 11.91 25.68 -17.39
C GLU A 254 10.75 25.61 -16.40
N LEU A 255 9.99 24.50 -16.45
CA LEU A 255 8.87 24.21 -15.52
C LEU A 255 9.05 22.87 -14.75
N VAL A 256 8.72 22.89 -13.46
CA VAL A 256 8.87 21.69 -12.61
C VAL A 256 7.60 20.80 -12.64
N LYS A 257 7.77 19.49 -12.86
CA LYS A 257 6.63 18.54 -12.66
C LYS A 257 6.84 17.61 -11.43
N ILE A 258 5.85 17.60 -10.53
CA ILE A 258 5.88 16.90 -9.24
C ILE A 258 5.04 15.63 -9.34
N GLY A 259 5.62 14.48 -8.98
CA GLY A 259 4.86 13.22 -8.89
C GLY A 259 4.94 12.69 -7.47
N LYS A 260 3.85 12.19 -6.93
CA LYS A 260 3.89 11.65 -5.58
C LYS A 260 3.31 10.26 -5.55
N LEU A 261 3.97 9.34 -4.85
CA LEU A 261 3.48 7.96 -4.71
C LEU A 261 3.32 7.57 -3.22
N ASN A 262 2.11 7.23 -2.78
CA ASN A 262 1.86 6.71 -1.44
C ASN A 262 1.69 5.21 -1.48
N LEU A 263 2.44 4.55 -0.58
CA LEU A 263 2.42 3.12 -0.41
C LEU A 263 1.89 2.79 0.98
N VAL A 264 0.63 2.40 1.08
CA VAL A 264 -0.06 2.23 2.37
C VAL A 264 -0.26 0.74 2.69
N ASP A 265 0.02 0.36 3.93
CA ASP A 265 -0.11 -1.04 4.44
C ASP A 265 -1.14 -0.91 5.61
N LEU A 266 -2.40 -1.28 5.36
CA LEU A 266 -3.48 -0.98 6.27
C LEU A 266 -3.43 -1.89 7.49
N ALA A 267 -4.11 -1.51 8.57
CA ALA A 267 -4.33 -2.45 9.69
C ALA A 267 -5.06 -3.69 9.17
N GLY A 268 -4.92 -4.83 9.85
CA GLY A 268 -5.53 -6.07 9.42
C GLY A 268 -7.04 -5.96 9.33
N SER A 269 -7.63 -6.47 8.27
CA SER A 269 -9.05 -6.31 8.03
C SER A 269 -9.97 -7.07 9.00
N GLU A 270 -9.44 -7.97 9.81
CA GLU A 270 -10.29 -8.70 10.73
C GLU A 270 -10.73 -7.87 11.94
N ASN A 271 -10.07 -6.75 12.21
CA ASN A 271 -10.36 -5.89 13.39
C ASN A 271 -11.68 -5.11 13.26
N ILE A 272 -12.82 -5.81 13.35
CA ILE A 272 -14.16 -5.23 13.12
C ILE A 272 -14.37 -5.00 11.62
N ASN A 287 -11.89 4.21 19.28
CA ASN A 287 -10.85 4.95 18.53
C ASN A 287 -9.75 4.06 17.91
N ILE A 288 -9.61 2.86 18.47
CA ILE A 288 -8.60 1.90 18.02
C ILE A 288 -8.86 1.30 16.59
N ASN A 289 -10.13 1.15 16.20
CA ASN A 289 -10.51 0.72 14.85
C ASN A 289 -11.16 1.83 13.98
N GLN A 290 -11.19 3.06 14.51
CA GLN A 290 -11.80 4.21 13.84
C GLN A 290 -11.52 4.33 12.33
N SER A 291 -10.25 4.36 11.97
CA SER A 291 -9.81 4.43 10.59
C SER A 291 -10.28 3.26 9.73
N LEU A 292 -10.06 2.04 10.18
CA LEU A 292 -10.42 0.88 9.39
C LEU A 292 -11.95 0.85 9.17
N LEU A 293 -12.69 1.32 10.17
CA LEU A 293 -14.11 1.47 10.10
C LEU A 293 -14.57 2.63 9.25
N THR A 294 -13.87 3.77 9.27
CA THR A 294 -14.32 4.87 8.43
C THR A 294 -13.94 4.58 6.98
N LEU A 295 -12.82 3.89 6.76
CA LEU A 295 -12.46 3.42 5.40
C LEU A 295 -13.59 2.65 4.71
N GLY A 296 -14.12 1.65 5.42
CA GLY A 296 -15.28 0.88 5.00
C GLY A 296 -16.49 1.77 4.70
N ARG A 297 -16.77 2.75 5.55
CA ARG A 297 -17.96 3.59 5.29
C ARG A 297 -17.77 4.48 4.08
N VAL A 298 -16.55 5.00 3.94
CA VAL A 298 -16.16 5.79 2.78
C VAL A 298 -16.32 5.01 1.46
N ILE A 299 -15.72 3.85 1.37
CA ILE A 299 -15.91 3.05 0.20
C ILE A 299 -17.45 2.85 -0.09
N THR A 300 -18.18 2.38 0.91
CA THR A 300 -19.65 2.25 0.83
C THR A 300 -20.33 3.55 0.30
N ALA A 301 -20.08 4.70 0.92
CA ALA A 301 -20.70 5.92 0.47
C ALA A 301 -20.38 6.26 -0.99
N LEU A 302 -19.22 5.88 -1.47
CA LEU A 302 -18.85 6.09 -2.89
C LEU A 302 -19.55 5.13 -3.84
N VAL A 303 -19.59 3.85 -3.51
CA VAL A 303 -20.09 2.90 -4.47
C VAL A 303 -21.59 3.00 -4.52
N GLU A 304 -22.21 3.27 -3.37
CA GLU A 304 -23.65 3.39 -3.30
C GLU A 304 -24.07 4.83 -3.54
N ARG A 305 -23.17 5.64 -4.07
CA ARG A 305 -23.36 7.09 -4.37
C ARG A 305 -24.08 7.99 -3.35
N THR A 306 -23.89 7.73 -2.06
CA THR A 306 -24.42 8.56 -0.94
C THR A 306 -23.80 10.01 -0.86
N PRO A 307 -24.58 11.05 -0.40
CA PRO A 307 -24.16 12.46 -0.73
C PRO A 307 -22.97 13.03 0.09
N HIS A 308 -22.98 12.84 1.42
CA HIS A 308 -21.85 13.29 2.24
C HIS A 308 -21.03 12.04 2.55
N VAL A 309 -19.74 12.12 2.22
CA VAL A 309 -18.83 10.98 2.30
C VAL A 309 -17.93 11.24 3.50
N PRO A 310 -17.92 10.33 4.48
CA PRO A 310 -17.37 10.80 5.74
C PRO A 310 -15.83 10.76 5.85
N TYR A 311 -15.13 11.45 4.95
CA TYR A 311 -13.65 11.54 4.96
C TYR A 311 -13.10 12.02 6.28
N ARG A 312 -13.71 13.09 6.81
CA ARG A 312 -13.24 13.76 8.03
C ARG A 312 -13.14 12.86 9.23
N GLU A 313 -13.86 11.75 9.20
CA GLU A 313 -14.06 11.01 10.45
C GLU A 313 -12.91 10.08 10.86
N SER A 314 -11.85 9.96 10.07
CA SER A 314 -10.66 9.30 10.56
C SER A 314 -9.39 9.90 9.97
N LYS A 315 -8.27 9.72 10.67
CA LYS A 315 -6.99 10.22 10.17
C LYS A 315 -6.65 9.57 8.80
N LEU A 316 -6.86 8.28 8.71
CA LEU A 316 -6.56 7.59 7.53
C LEU A 316 -7.33 8.14 6.32
N THR A 317 -8.63 8.47 6.50
CA THR A 317 -9.39 8.74 5.31
C THR A 317 -9.15 10.17 4.91
N ARG A 318 -8.64 10.98 5.82
CA ARG A 318 -8.26 12.32 5.47
C ARG A 318 -7.01 12.26 4.61
N ILE A 319 -6.09 11.38 4.97
CA ILE A 319 -4.86 11.29 4.23
C ILE A 319 -5.16 10.74 2.84
N LEU A 320 -5.96 9.67 2.79
CA LEU A 320 -6.37 8.99 1.58
C LEU A 320 -7.57 9.63 0.77
N GLN A 321 -8.02 10.82 1.15
CA GLN A 321 -9.24 11.35 0.61
C GLN A 321 -9.16 11.48 -0.90
N ASP A 322 -8.06 12.04 -1.37
CA ASP A 322 -7.86 12.21 -2.79
C ASP A 322 -7.70 10.85 -3.49
N SER A 323 -7.28 9.80 -2.81
CA SER A 323 -7.17 8.50 -3.49
C SER A 323 -8.47 7.72 -3.57
N LEU A 324 -9.48 8.13 -2.80
CA LEU A 324 -10.83 7.50 -2.85
C LEU A 324 -11.82 8.48 -3.43
N GLY A 325 -11.94 8.49 -4.75
CA GLY A 325 -12.85 9.44 -5.42
C GLY A 325 -12.29 10.78 -5.85
N GLY A 326 -10.96 10.92 -5.93
CA GLY A 326 -10.33 12.24 -6.16
C GLY A 326 -9.41 12.21 -7.36
N ARG A 327 -8.39 13.08 -7.37
CA ARG A 327 -7.52 13.21 -8.56
C ARG A 327 -6.29 12.25 -8.56
N THR A 328 -6.15 11.44 -7.53
CA THR A 328 -5.06 10.44 -7.41
C THR A 328 -5.38 9.10 -8.16
N ARG A 329 -4.40 8.47 -8.79
CA ARG A 329 -4.63 7.13 -9.36
C ARG A 329 -4.34 6.02 -8.34
N THR A 330 -5.31 5.16 -8.08
CA THR A 330 -5.27 4.22 -6.97
C THR A 330 -5.29 2.74 -7.38
N SER A 331 -4.52 1.92 -6.68
CA SER A 331 -4.64 0.47 -6.81
C SER A 331 -4.78 -0.13 -5.45
N ILE A 332 -5.44 -1.28 -5.35
CA ILE A 332 -5.56 -1.98 -4.10
C ILE A 332 -5.04 -3.37 -4.29
N ILE A 333 -4.20 -3.80 -3.36
CA ILE A 333 -3.76 -5.19 -3.32
C ILE A 333 -4.46 -5.88 -2.16
N ALA A 334 -5.35 -6.81 -2.50
CA ALA A 334 -6.07 -7.61 -1.53
C ALA A 334 -5.25 -8.84 -1.30
N THR A 335 -4.94 -9.15 -0.05
CA THR A 335 -4.14 -10.33 0.22
C THR A 335 -5.00 -11.37 0.89
N ILE A 336 -4.79 -12.64 0.60
CA ILE A 336 -5.60 -13.70 1.19
C ILE A 336 -4.73 -14.90 1.52
N SER A 337 -5.23 -15.76 2.42
CA SER A 337 -4.53 -16.97 2.79
C SER A 337 -5.16 -17.98 1.90
N PRO A 338 -4.47 -19.08 1.57
CA PRO A 338 -5.17 -20.12 0.89
C PRO A 338 -5.86 -21.17 1.80
N ALA A 339 -5.76 -21.08 3.14
CA ALA A 339 -6.20 -22.25 3.98
C ALA A 339 -7.71 -22.33 4.21
N SER A 340 -8.19 -23.55 4.39
CA SER A 340 -9.59 -23.80 4.62
C SER A 340 -10.06 -23.10 5.89
N LEU A 341 -9.14 -22.99 6.86
CA LEU A 341 -9.44 -22.42 8.16
C LEU A 341 -9.93 -20.96 8.05
N ASN A 342 -9.40 -20.18 7.09
CA ASN A 342 -9.65 -18.75 7.00
C ASN A 342 -10.70 -18.41 5.98
N LEU A 343 -11.46 -19.43 5.60
CA LEU A 343 -12.54 -19.31 4.63
C LEU A 343 -13.31 -17.99 4.74
N GLU A 344 -13.82 -17.73 5.93
CA GLU A 344 -14.74 -16.64 6.18
C GLU A 344 -14.13 -15.30 5.89
N GLU A 345 -12.88 -15.09 6.33
CA GLU A 345 -12.16 -13.82 6.19
C GLU A 345 -11.71 -13.66 4.79
N THR A 346 -11.29 -14.79 4.18
CA THR A 346 -10.92 -14.78 2.77
C THR A 346 -12.09 -14.25 1.96
N LEU A 347 -13.26 -14.82 2.15
CA LEU A 347 -14.47 -14.34 1.44
C LEU A 347 -14.78 -12.90 1.72
N SER A 348 -14.57 -12.56 2.94
CA SER A 348 -14.83 -11.25 3.34
C SER A 348 -13.88 -10.24 2.62
N THR A 349 -12.59 -10.59 2.47
CA THR A 349 -11.65 -9.71 1.80
C THR A 349 -12.04 -9.58 0.35
N LEU A 350 -12.32 -10.71 -0.31
CA LEU A 350 -12.73 -10.67 -1.71
C LEU A 350 -13.99 -9.89 -1.93
N GLU A 351 -14.97 -10.05 -1.06
CA GLU A 351 -16.17 -9.25 -1.23
C GLU A 351 -15.88 -7.79 -1.12
N TYR A 352 -15.18 -7.41 -0.06
CA TYR A 352 -14.79 -6.02 0.13
C TYR A 352 -13.99 -5.44 -1.01
N ALA A 353 -13.09 -6.22 -1.57
CA ALA A 353 -12.26 -5.64 -2.57
C ALA A 353 -12.94 -5.55 -3.90
N HIS A 354 -13.76 -6.55 -4.22
CA HIS A 354 -14.56 -6.51 -5.42
C HIS A 354 -15.50 -5.31 -5.46
N ARG A 355 -16.16 -4.95 -4.36
CA ARG A 355 -16.93 -3.74 -4.41
C ARG A 355 -16.08 -2.57 -4.81
N ALA A 356 -14.88 -2.46 -4.27
CA ALA A 356 -14.09 -1.27 -4.49
C ALA A 356 -13.76 -0.99 -5.95
N LYS A 357 -14.01 -1.93 -6.86
CA LYS A 357 -13.72 -1.73 -8.30
C LYS A 357 -14.63 -0.65 -8.86
N ASN A 358 -15.76 -0.46 -8.19
CA ASN A 358 -16.71 0.54 -8.63
C ASN A 358 -16.42 1.90 -8.06
N ILE A 359 -15.24 2.11 -7.50
CA ILE A 359 -14.94 3.46 -7.10
C ILE A 359 -14.39 4.17 -8.34
N LEU A 360 -14.97 5.31 -8.72
CA LEU A 360 -14.40 6.07 -9.85
C LEU A 360 -13.59 7.29 -9.39
N ASN A 361 -12.31 7.35 -9.79
CA ASN A 361 -11.43 8.53 -9.60
C ASN A 361 -11.38 9.38 -10.85
N LYS A 362 -11.01 10.66 -10.71
CA LYS A 362 -10.79 11.60 -11.84
C LYS A 362 -9.32 12.04 -11.84
N PRO A 363 -8.43 11.18 -12.32
CA PRO A 363 -7.00 11.51 -12.24
C PRO A 363 -6.50 12.73 -13.11
N GLU A 364 -5.52 13.44 -12.56
CA GLU A 364 -5.04 14.72 -13.08
C GLU A 364 -3.61 15.05 -12.56
N VAL A 365 -2.72 15.49 -13.45
CA VAL A 365 -1.36 15.99 -13.10
C VAL A 365 -1.44 17.21 -12.13
N ASN A 366 -0.33 17.58 -11.47
CA ASN A 366 -0.40 18.53 -10.33
C ASN A 366 -0.68 20.05 -10.53
#